data_4BPY
#
_entry.id   4BPY
#
_cell.length_a   41.200
_cell.length_b   41.200
_cell.length_c   76.631
_cell.angle_alpha   90.00
_cell.angle_beta   90.00
_cell.angle_gamma   120.00
#
_symmetry.space_group_name_H-M   'P 32'
#
loop_
_entity.id
_entity.type
_entity.pdbx_description
1 polymer 'SCO PROTEIN'
2 water water
#
_entity_poly.entity_id   1
_entity_poly.type   'polypeptide(L)'
_entity_poly.pdbx_seq_one_letter_code
;QAATVLDKPFEKPDLVLTDTQGKKYDLREQTAGKPTLIYFGYTH(CSD)PDVAPLTMNNIAVAKKQLSQAEQDKLRVVFV
STDPERDTPAALGKWLKGIDPQIVGLTGEFDTIQAGARTLGISIDPPTKDKDGKIVSTHGTQVVAFSPKSDAGYVLYGED
ATVDDYTKDLPKLIKGENP
;
_entity_poly.pdbx_strand_id   A
#
# COMPACT_ATOMS: atom_id res chain seq x y z
N GLN A 1 -9.00 15.71 10.57
CA GLN A 1 -7.96 14.63 10.49
C GLN A 1 -7.88 14.08 9.05
N ALA A 2 -6.68 13.76 8.59
CA ALA A 2 -6.57 13.08 7.26
C ALA A 2 -7.21 11.68 7.20
N ALA A 3 -7.09 10.95 8.28
CA ALA A 3 -7.53 9.58 8.32
C ALA A 3 -9.08 9.56 8.37
N THR A 4 -9.70 8.68 7.59
CA THR A 4 -11.10 8.33 7.79
C THR A 4 -11.10 6.93 8.42
N VAL A 5 -11.64 6.83 9.61
CA VAL A 5 -11.72 5.55 10.34
C VAL A 5 -13.08 4.93 10.03
N LEU A 6 -13.07 3.69 9.55
CA LEU A 6 -14.27 3.01 9.10
C LEU A 6 -14.93 2.19 10.21
N ASP A 7 -16.21 2.42 10.42
CA ASP A 7 -16.98 1.61 11.36
C ASP A 7 -17.14 0.20 10.76
N LYS A 8 -17.19 0.12 9.42
CA LYS A 8 -17.26 -1.17 8.71
C LYS A 8 -16.01 -1.41 7.82
N PRO A 9 -14.97 -2.00 8.42
CA PRO A 9 -13.70 -2.13 7.67
C PRO A 9 -13.83 -3.03 6.51
N PHE A 10 -12.99 -2.78 5.55
CA PHE A 10 -12.96 -3.58 4.33
C PHE A 10 -12.15 -4.87 4.51
N GLU A 11 -12.57 -5.90 3.77
CA GLU A 11 -11.76 -7.11 3.64
CA GLU A 11 -11.79 -7.13 3.57
CA GLU A 11 -11.73 -7.09 3.70
C GLU A 11 -10.50 -6.75 2.83
N LYS A 12 -9.37 -7.34 3.15
CA LYS A 12 -8.22 -7.21 2.31
C LYS A 12 -8.46 -7.96 1.00
N PRO A 13 -8.13 -7.33 -0.15
CA PRO A 13 -8.44 -7.99 -1.42
C PRO A 13 -7.66 -9.29 -1.59
N ASP A 14 -8.32 -10.28 -2.18
CA ASP A 14 -7.65 -11.56 -2.49
C ASP A 14 -6.92 -11.49 -3.82
N LEU A 15 -5.83 -10.76 -3.84
CA LEU A 15 -4.98 -10.55 -4.97
C LEU A 15 -3.79 -11.53 -4.92
N VAL A 16 -3.59 -12.23 -6.04
CA VAL A 16 -2.41 -13.04 -6.22
C VAL A 16 -1.72 -12.51 -7.44
N LEU A 17 -0.64 -11.75 -7.20
CA LEU A 17 0.01 -10.99 -8.22
C LEU A 17 1.48 -11.37 -8.31
N THR A 18 2.24 -10.64 -9.13
CA THR A 18 3.66 -10.92 -9.28
C THR A 18 4.43 -9.84 -8.51
N ASP A 19 5.37 -10.25 -7.67
CA ASP A 19 6.18 -9.26 -6.94
C ASP A 19 7.38 -8.83 -7.78
N THR A 20 8.20 -7.92 -7.26
CA THR A 20 9.27 -7.34 -8.02
C THR A 20 10.42 -8.28 -8.32
N GLN A 21 10.45 -9.43 -7.64
CA GLN A 21 11.40 -10.50 -7.94
C GLN A 21 10.84 -11.51 -8.97
N GLY A 22 9.67 -11.22 -9.50
CA GLY A 22 9.00 -12.06 -10.46
C GLY A 22 8.29 -13.28 -9.91
N LYS A 23 8.05 -13.29 -8.60
CA LYS A 23 7.49 -14.42 -7.90
CA LYS A 23 7.47 -14.42 -7.92
C LYS A 23 6.01 -14.17 -7.58
N LYS A 24 5.28 -15.25 -7.45
CA LYS A 24 3.84 -15.19 -7.15
C LYS A 24 3.72 -14.71 -5.74
N TYR A 25 2.84 -13.71 -5.50
CA TYR A 25 2.70 -13.09 -4.21
C TYR A 25 1.22 -13.05 -3.87
N ASP A 26 0.86 -13.84 -2.88
CA ASP A 26 -0.51 -13.90 -2.39
C ASP A 26 -0.61 -12.86 -1.29
N LEU A 27 -1.30 -11.76 -1.63
CA LEU A 27 -1.38 -10.58 -0.74
C LEU A 27 -1.86 -10.94 0.71
N ARG A 28 -2.92 -11.70 0.78
CA ARG A 28 -3.49 -12.03 2.07
C ARG A 28 -2.55 -12.87 2.91
N GLU A 29 -1.90 -13.83 2.26
CA GLU A 29 -0.97 -14.69 2.98
C GLU A 29 0.29 -13.96 3.40
N GLN A 30 0.88 -13.20 2.48
CA GLN A 30 2.16 -12.58 2.72
CA GLN A 30 2.16 -12.59 2.74
C GLN A 30 2.08 -11.49 3.78
N THR A 31 0.92 -10.79 3.88
CA THR A 31 0.77 -9.67 4.80
C THR A 31 -0.14 -10.02 5.97
N ALA A 32 -0.37 -11.31 6.24
CA ALA A 32 -1.26 -11.76 7.28
C ALA A 32 -0.75 -11.33 8.63
N GLY A 33 -1.60 -10.67 9.40
CA GLY A 33 -1.23 -10.22 10.71
C GLY A 33 -0.21 -9.11 10.79
N LYS A 34 -0.01 -8.42 9.66
CA LYS A 34 0.93 -7.33 9.53
CA LYS A 34 0.94 -7.34 9.58
C LYS A 34 0.23 -6.03 9.21
N PRO A 35 0.65 -4.94 9.85
CA PRO A 35 0.08 -3.63 9.45
C PRO A 35 0.50 -3.40 8.01
N THR A 36 -0.49 -3.13 7.17
CA THR A 36 -0.29 -3.13 5.74
C THR A 36 -0.95 -1.88 5.17
N LEU A 37 -0.20 -1.09 4.38
CA LEU A 37 -0.74 0.04 3.66
CA LEU A 37 -0.69 0.06 3.65
C LEU A 37 -0.70 -0.26 2.17
N ILE A 38 -1.81 -0.07 1.50
CA ILE A 38 -1.91 -0.35 0.05
C ILE A 38 -2.26 0.91 -0.71
N TYR A 39 -1.52 1.10 -1.79
CA TYR A 39 -1.70 2.17 -2.73
C TYR A 39 -1.73 1.55 -4.12
N PHE A 40 -2.65 1.99 -4.95
CA PHE A 40 -2.70 1.64 -6.39
C PHE A 40 -2.26 2.84 -7.20
N GLY A 41 -1.25 2.69 -8.04
CA GLY A 41 -0.89 3.75 -8.97
C GLY A 41 0.21 3.31 -9.94
N TYR A 42 0.92 4.22 -10.54
CA TYR A 42 1.88 3.87 -11.62
C TYR A 42 3.17 4.65 -11.58
N THR A 43 4.29 4.04 -11.91
CA THR A 43 5.59 4.62 -11.66
C THR A 43 5.90 5.80 -12.57
N HIS A 44 5.19 5.94 -13.69
CA HIS A 44 5.43 7.08 -14.59
C HIS A 44 4.65 8.29 -14.16
N PRO A 46 4.28 11.52 -12.29
CA PRO A 46 5.30 12.40 -11.75
C PRO A 46 4.91 13.09 -10.47
N ASP A 47 3.68 12.86 -9.98
CA ASP A 47 3.13 13.56 -8.84
C ASP A 47 2.62 12.64 -7.72
N VAL A 48 1.41 12.08 -7.86
CA VAL A 48 0.73 11.44 -6.73
C VAL A 48 1.45 10.16 -6.30
N ALA A 49 1.79 9.29 -7.26
CA ALA A 49 2.52 8.07 -6.90
C ALA A 49 3.83 8.32 -6.13
N PRO A 50 4.73 9.15 -6.69
CA PRO A 50 6.00 9.30 -5.94
C PRO A 50 5.85 10.13 -4.61
N LEU A 51 4.91 11.04 -4.59
CA LEU A 51 4.68 11.86 -3.38
C LEU A 51 4.07 10.97 -2.28
N THR A 52 3.07 10.11 -2.66
CA THR A 52 2.47 9.26 -1.66
C THR A 52 3.49 8.33 -1.09
N MET A 53 4.25 7.66 -1.96
CA MET A 53 5.30 6.73 -1.50
CA MET A 53 5.23 6.74 -1.55
C MET A 53 6.37 7.44 -0.67
N ASN A 54 6.79 8.63 -1.12
CA ASN A 54 7.77 9.35 -0.34
C ASN A 54 7.21 9.79 1.06
N ASN A 55 5.95 10.20 1.09
CA ASN A 55 5.28 10.60 2.40
C ASN A 55 5.31 9.46 3.36
N ILE A 56 4.92 8.27 2.86
CA ILE A 56 4.92 7.09 3.69
C ILE A 56 6.34 6.70 4.06
N ALA A 57 7.26 6.73 3.09
CA ALA A 57 8.62 6.37 3.40
C ALA A 57 9.31 7.25 4.48
N VAL A 58 9.09 8.55 4.36
CA VAL A 58 9.68 9.48 5.33
C VAL A 58 9.07 9.21 6.70
N ALA A 59 7.74 8.99 6.73
CA ALA A 59 7.08 8.66 8.01
C ALA A 59 7.63 7.39 8.63
N LYS A 60 7.80 6.38 7.75
CA LYS A 60 8.30 5.12 8.17
C LYS A 60 9.73 5.19 8.71
N LYS A 61 10.53 6.05 8.08
CA LYS A 61 11.93 6.23 8.50
C LYS A 61 12.10 6.73 9.95
N GLN A 62 11.06 7.34 10.52
CA GLN A 62 11.08 7.78 11.91
C GLN A 62 11.01 6.61 12.92
N LEU A 63 10.47 5.48 12.47
CA LEU A 63 10.23 4.33 13.34
C LEU A 63 11.51 3.59 13.58
N SER A 64 11.56 2.81 14.64
CA SER A 64 12.69 1.89 14.88
C SER A 64 12.74 0.86 13.74
N GLN A 65 13.92 0.32 13.44
CA GLN A 65 14.01 -0.60 12.28
C GLN A 65 13.14 -1.83 12.60
N ALA A 66 12.98 -2.17 13.88
CA ALA A 66 12.10 -3.28 14.29
C ALA A 66 10.62 -3.06 13.94
N GLU A 67 10.10 -1.87 14.22
CA GLU A 67 8.74 -1.50 13.86
C GLU A 67 8.64 -1.38 12.32
N GLN A 68 9.65 -0.83 11.68
CA GLN A 68 9.63 -0.73 10.19
C GLN A 68 9.52 -2.11 9.58
N ASP A 69 10.18 -3.09 10.17
CA ASP A 69 10.18 -4.46 9.68
C ASP A 69 8.81 -5.16 9.82
N LYS A 70 7.93 -4.65 10.68
CA LYS A 70 6.57 -5.15 10.86
C LYS A 70 5.66 -4.68 9.71
N LEU A 71 5.95 -3.48 9.20
CA LEU A 71 5.07 -2.86 8.24
C LEU A 71 5.22 -3.50 6.89
N ARG A 72 4.11 -3.52 6.17
CA ARG A 72 4.11 -3.85 4.73
C ARG A 72 3.46 -2.72 3.97
N VAL A 73 4.27 -2.03 3.21
CA VAL A 73 3.79 -0.98 2.37
C VAL A 73 3.78 -1.63 0.97
N VAL A 74 2.61 -1.64 0.32
CA VAL A 74 2.38 -2.38 -0.91
C VAL A 74 1.94 -1.36 -1.95
N PHE A 75 2.71 -1.31 -3.07
CA PHE A 75 2.38 -0.51 -4.22
C PHE A 75 1.85 -1.47 -5.33
N VAL A 76 0.62 -1.32 -5.73
CA VAL A 76 0.02 -2.18 -6.75
C VAL A 76 -0.02 -1.34 -8.02
N SER A 77 0.68 -1.77 -9.07
CA SER A 77 0.69 -1.00 -10.30
C SER A 77 -0.60 -1.09 -11.07
N THR A 78 -1.04 0.08 -11.53
CA THR A 78 -2.14 0.23 -12.45
C THR A 78 -1.73 0.33 -13.91
N ASP A 79 -0.44 0.14 -14.21
CA ASP A 79 0.09 0.32 -15.54
C ASP A 79 1.07 -0.82 -15.78
N PRO A 80 0.58 -2.06 -15.77
CA PRO A 80 1.46 -3.26 -15.82
C PRO A 80 2.30 -3.38 -17.10
N GLU A 81 1.83 -2.74 -18.19
CA GLU A 81 2.56 -2.71 -19.50
C GLU A 81 3.85 -1.87 -19.46
N ARG A 82 4.02 -1.00 -18.45
CA ARG A 82 5.31 -0.34 -18.22
C ARG A 82 5.96 -0.81 -16.94
N ASP A 83 5.13 -1.06 -15.91
CA ASP A 83 5.63 -1.41 -14.61
C ASP A 83 5.77 -2.92 -14.59
N THR A 84 6.80 -3.42 -15.29
CA THR A 84 7.16 -4.80 -15.21
C THR A 84 7.66 -5.05 -13.80
N PRO A 85 7.71 -6.29 -13.35
CA PRO A 85 8.24 -6.55 -11.99
C PRO A 85 9.58 -5.88 -11.71
N ALA A 86 10.54 -6.02 -12.60
CA ALA A 86 11.86 -5.48 -12.37
C ALA A 86 11.88 -3.97 -12.52
N ALA A 87 11.11 -3.40 -13.41
CA ALA A 87 11.01 -1.93 -13.53
C ALA A 87 10.37 -1.32 -12.27
N LEU A 88 9.34 -1.96 -11.79
CA LEU A 88 8.66 -1.51 -10.57
C LEU A 88 9.61 -1.58 -9.44
N GLY A 89 10.37 -2.64 -9.34
CA GLY A 89 11.30 -2.84 -8.28
C GLY A 89 12.39 -1.78 -8.30
N LYS A 90 12.89 -1.41 -9.46
CA LYS A 90 13.93 -0.41 -9.52
CA LYS A 90 13.94 -0.42 -9.55
C LYS A 90 13.43 0.91 -9.06
N TRP A 91 12.25 1.27 -9.48
CA TRP A 91 11.65 2.57 -9.14
C TRP A 91 11.38 2.62 -7.63
N LEU A 92 10.86 1.59 -7.03
CA LEU A 92 10.59 1.62 -5.58
C LEU A 92 11.84 1.66 -4.76
N LYS A 93 12.91 1.04 -5.22
CA LYS A 93 14.12 0.86 -4.44
C LYS A 93 14.73 2.26 -4.13
N GLY A 94 14.46 3.23 -5.00
N GLY A 94 14.52 3.21 -5.02
CA GLY A 94 14.94 4.64 -4.87
CA GLY A 94 14.97 4.59 -4.83
C GLY A 94 14.09 5.48 -3.93
C GLY A 94 14.35 5.17 -3.56
N ILE A 95 13.06 4.85 -3.36
CA ILE A 95 12.23 5.49 -2.32
C ILE A 95 12.43 4.75 -1.00
N ASP A 96 12.17 3.48 -0.98
CA ASP A 96 12.45 2.63 0.13
C ASP A 96 12.47 1.19 -0.36
N PRO A 97 13.59 0.49 -0.15
CA PRO A 97 13.72 -0.87 -0.64
C PRO A 97 12.81 -1.89 0.07
N GLN A 98 12.11 -1.51 1.15
CA GLN A 98 11.21 -2.46 1.81
C GLN A 98 9.79 -2.43 1.20
N ILE A 99 9.48 -1.46 0.34
CA ILE A 99 8.15 -1.37 -0.25
C ILE A 99 8.00 -2.58 -1.20
N VAL A 100 6.90 -3.25 -1.03
CA VAL A 100 6.50 -4.38 -1.90
C VAL A 100 5.84 -3.82 -3.16
N GLY A 101 6.29 -4.25 -4.34
CA GLY A 101 5.63 -3.83 -5.55
C GLY A 101 4.97 -5.04 -6.23
N LEU A 102 3.70 -4.87 -6.58
CA LEU A 102 2.92 -5.94 -7.23
C LEU A 102 2.44 -5.47 -8.53
N THR A 103 2.49 -6.42 -9.50
CA THR A 103 2.08 -6.12 -10.86
C THR A 103 1.33 -7.35 -11.39
N GLY A 104 0.46 -7.13 -12.39
CA GLY A 104 -0.30 -8.21 -13.01
C GLY A 104 -1.38 -7.69 -13.91
N GLU A 105 -2.38 -8.52 -14.20
CA GLU A 105 -3.40 -8.13 -15.17
C GLU A 105 -4.21 -6.98 -14.64
N PHE A 106 -4.39 -5.94 -15.45
CA PHE A 106 -5.12 -4.77 -15.04
C PHE A 106 -6.55 -5.10 -14.55
N ASP A 107 -7.25 -6.00 -15.25
CA ASP A 107 -8.61 -6.32 -14.84
C ASP A 107 -8.66 -6.80 -13.38
N THR A 108 -7.74 -7.70 -13.04
CA THR A 108 -7.64 -8.21 -11.68
C THR A 108 -7.39 -7.12 -10.63
N ILE A 109 -6.46 -6.26 -10.96
CA ILE A 109 -6.06 -5.14 -10.11
C ILE A 109 -7.21 -4.13 -9.94
N GLN A 110 -7.88 -3.76 -11.06
CA GLN A 110 -9.02 -2.84 -11.02
C GLN A 110 -10.16 -3.40 -10.14
N ALA A 111 -10.43 -4.70 -10.24
CA ALA A 111 -11.45 -5.33 -9.46
C ALA A 111 -11.12 -5.32 -7.96
N GLY A 112 -9.85 -5.58 -7.66
CA GLY A 112 -9.38 -5.58 -6.30
C GLY A 112 -9.52 -4.19 -5.68
N ALA A 113 -9.15 -3.17 -6.47
CA ALA A 113 -9.31 -1.78 -6.00
C ALA A 113 -10.76 -1.42 -5.74
N ARG A 114 -11.67 -1.89 -6.62
CA ARG A 114 -13.08 -1.68 -6.40
C ARG A 114 -13.66 -2.20 -5.10
N THR A 115 -13.09 -3.28 -4.57
CA THR A 115 -13.56 -3.84 -3.29
C THR A 115 -13.20 -2.93 -2.09
N LEU A 116 -12.31 -1.95 -2.35
CA LEU A 116 -11.95 -0.91 -1.36
C LEU A 116 -12.53 0.47 -1.70
N GLY A 117 -13.48 0.50 -2.62
CA GLY A 117 -14.13 1.73 -3.09
C GLY A 117 -13.29 2.65 -4.00
N ILE A 118 -12.23 2.11 -4.57
CA ILE A 118 -11.25 2.84 -5.31
C ILE A 118 -11.45 2.55 -6.79
N SER A 119 -11.56 3.64 -7.55
CA SER A 119 -11.79 3.59 -8.95
C SER A 119 -10.50 3.88 -9.73
N ILE A 120 -10.05 2.91 -10.50
CA ILE A 120 -8.85 2.99 -11.35
CA ILE A 120 -8.88 3.08 -11.36
C ILE A 120 -9.27 2.81 -12.80
N ASP A 121 -8.82 3.70 -13.67
CA ASP A 121 -8.97 3.55 -15.10
C ASP A 121 -7.55 3.33 -15.61
N PRO A 122 -7.37 2.81 -16.82
CA PRO A 122 -5.98 2.79 -17.32
C PRO A 122 -5.41 4.22 -17.51
N PRO A 123 -4.07 4.41 -17.33
CA PRO A 123 -3.45 5.76 -17.43
C PRO A 123 -3.69 6.53 -18.75
N GLY A 136 -10.76 10.64 -4.50
CA GLY A 136 -11.15 9.58 -3.56
C GLY A 136 -10.08 8.97 -2.64
N THR A 137 -10.42 7.80 -2.10
CA THR A 137 -9.46 7.05 -1.30
C THR A 137 -8.19 6.74 -2.12
N GLN A 138 -7.01 7.00 -1.54
CA GLN A 138 -5.74 6.72 -2.13
C GLN A 138 -4.98 5.57 -1.47
N VAL A 139 -4.99 5.53 -0.13
CA VAL A 139 -4.29 4.52 0.65
C VAL A 139 -5.23 3.93 1.66
N VAL A 140 -5.16 2.60 1.80
CA VAL A 140 -5.97 1.90 2.78
C VAL A 140 -5.00 1.22 3.73
N ALA A 141 -5.20 1.42 5.04
CA ALA A 141 -4.46 0.71 6.06
C ALA A 141 -5.25 -0.46 6.61
N PHE A 142 -4.54 -1.58 6.72
CA PHE A 142 -5.08 -2.83 7.20
C PHE A 142 -4.46 -3.12 8.56
N SER A 143 -5.34 -3.43 9.48
CA SER A 143 -4.94 -3.67 10.85
C SER A 143 -4.29 -5.07 11.01
N PRO A 144 -3.22 -5.14 11.79
CA PRO A 144 -2.66 -6.44 12.07
C PRO A 144 -3.57 -7.34 12.93
N LYS A 145 -4.51 -6.72 13.65
CA LYS A 145 -5.45 -7.45 14.49
C LYS A 145 -6.59 -8.17 13.74
N SER A 146 -6.91 -7.71 12.57
CA SER A 146 -8.05 -8.21 11.88
C SER A 146 -7.79 -8.48 10.42
N ASP A 147 -6.66 -7.97 9.91
CA ASP A 147 -6.38 -7.87 8.49
C ASP A 147 -7.44 -7.08 7.68
N ALA A 148 -8.25 -6.25 8.34
CA ALA A 148 -9.28 -5.50 7.67
C ALA A 148 -8.81 -4.03 7.49
N GLY A 149 -9.34 -3.44 6.44
CA GLY A 149 -8.99 -2.11 5.98
C GLY A 149 -9.80 -1.09 6.78
N TYR A 150 -9.18 -0.54 7.80
CA TYR A 150 -9.93 0.20 8.82
C TYR A 150 -9.70 1.71 8.78
N VAL A 151 -8.70 2.15 8.03
CA VAL A 151 -8.41 3.56 7.86
C VAL A 151 -8.15 3.86 6.40
N LEU A 152 -8.77 4.92 5.90
CA LEU A 152 -8.56 5.40 4.53
C LEU A 152 -7.92 6.78 4.58
N TYR A 153 -7.00 6.99 3.66
CA TYR A 153 -6.34 8.27 3.44
C TYR A 153 -6.58 8.71 2.02
N GLY A 154 -6.78 10.00 1.86
CA GLY A 154 -6.91 10.64 0.57
C GLY A 154 -5.66 11.39 0.14
N GLU A 155 -5.74 12.10 -1.01
CA GLU A 155 -4.60 12.84 -1.54
C GLU A 155 -4.10 13.96 -0.62
N ASP A 156 -5.00 14.40 0.27
CA ASP A 156 -4.77 15.53 1.21
C ASP A 156 -3.80 15.12 2.31
N ALA A 157 -3.59 13.81 2.48
CA ALA A 157 -2.72 13.34 3.58
C ALA A 157 -1.29 13.76 3.28
N THR A 158 -0.63 14.31 4.29
CA THR A 158 0.73 14.73 4.21
C THR A 158 1.69 13.83 4.93
N VAL A 159 2.98 14.13 4.69
CA VAL A 159 4.00 13.45 5.42
C VAL A 159 3.78 13.56 6.93
N ASP A 160 3.27 14.70 7.36
CA ASP A 160 3.06 14.89 8.78
C ASP A 160 1.93 13.99 9.32
N ASP A 161 0.88 13.81 8.54
CA ASP A 161 -0.20 12.90 8.92
C ASP A 161 0.31 11.45 9.05
N TYR A 162 1.05 10.98 8.06
CA TYR A 162 1.56 9.61 8.12
C TYR A 162 2.56 9.47 9.26
N THR A 163 3.35 10.53 9.51
CA THR A 163 4.31 10.45 10.59
C THR A 163 3.65 10.25 11.94
N LYS A 164 2.57 11.03 12.15
CA LYS A 164 1.78 10.98 13.38
C LYS A 164 1.03 9.66 13.53
N ASP A 165 0.46 9.21 12.42
CA ASP A 165 -0.46 8.08 12.48
C ASP A 165 0.19 6.73 12.43
N LEU A 166 1.40 6.61 11.84
CA LEU A 166 1.98 5.25 11.62
CA LEU A 166 1.93 5.30 11.60
C LEU A 166 2.13 4.43 12.89
N PRO A 167 2.59 5.04 14.02
CA PRO A 167 2.70 4.19 15.19
C PRO A 167 1.36 3.54 15.65
N LYS A 168 0.26 4.26 15.46
CA LYS A 168 -1.06 3.71 15.75
C LYS A 168 -1.48 2.62 14.74
N LEU A 169 -1.24 2.91 13.45
CA LEU A 169 -1.54 1.92 12.40
C LEU A 169 -0.77 0.62 12.61
N ILE A 170 0.46 0.71 13.15
CA ILE A 170 1.28 -0.47 13.35
C ILE A 170 0.67 -1.39 14.35
N LYS A 171 -0.01 -0.81 15.33
CA LYS A 171 -0.66 -1.54 16.37
C LYS A 171 -2.13 -1.87 16.09
N GLY A 172 -2.69 -1.39 14.96
CA GLY A 172 -4.10 -1.54 14.71
C GLY A 172 -4.99 -0.66 15.58
N GLU A 173 -4.42 0.41 16.09
CA GLU A 173 -5.20 1.33 16.88
C GLU A 173 -5.74 2.47 16.02
N ASN A 174 -6.82 3.11 16.45
CA ASN A 174 -7.39 4.18 15.67
C ASN A 174 -6.51 5.43 15.78
N PRO A 175 -6.18 6.04 14.65
CA PRO A 175 -5.29 7.25 14.67
C PRO A 175 -5.90 8.58 15.14
#